data_3P69
#
_entry.id   3P69
#
_cell.length_a   127.074
_cell.length_b   127.074
_cell.length_c   150.606
_cell.angle_alpha   90.000
_cell.angle_beta   90.000
_cell.angle_gamma   120.000
#
_symmetry.space_group_name_H-M   'H 3 2'
#
loop_
_entity.id
_entity.type
_entity.pdbx_description
1 polymer 'Uncharacterized protein'
2 non-polymer GLYCEROL
3 non-polymer 'CHLORIDE ION'
4 water water
#
_entity_poly.entity_id   1
_entity_poly.type   'polypeptide(L)'
_entity_poly.pdbx_seq_one_letter_code
;GSKEDLPAYEEAEITKVGAYHRFYSGDKDAITGENIVAEKELDRTNNIDSEHGVATAVFTIPAAGGKFTEAERAKVSLSN
LVVYVNVSTAARVTPLDGSPKFGVPADWTREHKYSV(MSE)AADGTKKIWTVKVTLNK
;
_entity_poly.pdbx_strand_id   A,B
#
loop_
_chem_comp.id
_chem_comp.type
_chem_comp.name
_chem_comp.formula
CL non-polymer 'CHLORIDE ION' 'Cl -1'
GOL non-polymer GLYCEROL 'C3 H8 O3'
#
# COMPACT_ATOMS: atom_id res chain seq x y z
N GLU A 10 -18.01 4.86 -28.98
CA GLU A 10 -18.64 3.72 -29.67
C GLU A 10 -18.63 2.41 -28.81
N GLU A 11 -17.48 2.05 -28.25
CA GLU A 11 -17.27 0.85 -27.43
C GLU A 11 -17.64 1.10 -25.96
N ALA A 12 -18.43 0.17 -25.38
CA ALA A 12 -18.95 0.19 -24.00
C ALA A 12 -18.61 -1.16 -23.29
N GLU A 13 -17.30 -1.49 -23.29
CA GLU A 13 -16.77 -2.74 -22.75
C GLU A 13 -16.09 -2.59 -21.40
N ILE A 14 -16.13 -3.68 -20.61
CA ILE A 14 -15.33 -3.82 -19.41
C ILE A 14 -14.12 -4.58 -19.91
N THR A 15 -12.88 -4.11 -19.63
CA THR A 15 -11.68 -4.78 -20.14
C THR A 15 -10.85 -5.39 -19.03
N LYS A 16 -11.09 -5.01 -17.78
CA LYS A 16 -10.33 -5.54 -16.63
C LYS A 16 -11.14 -5.42 -15.36
N VAL A 17 -11.01 -6.40 -14.46
CA VAL A 17 -11.63 -6.40 -13.13
C VAL A 17 -10.51 -6.67 -12.13
N GLY A 18 -10.24 -5.70 -11.26
CA GLY A 18 -9.24 -5.82 -10.22
C GLY A 18 -9.82 -5.61 -8.83
N ALA A 19 -9.05 -5.95 -7.79
CA ALA A 19 -9.47 -5.80 -6.38
C ALA A 19 -8.30 -5.44 -5.44
N TYR A 20 -8.64 -4.69 -4.39
CA TYR A 20 -7.75 -4.36 -3.27
C TYR A 20 -8.37 -4.75 -1.97
N HIS A 21 -7.51 -5.10 -1.03
CA HIS A 21 -7.80 -5.28 0.37
C HIS A 21 -7.33 -3.97 1.01
N ARG A 22 -8.25 -3.21 1.59
CA ARG A 22 -7.95 -1.91 2.22
CA ARG A 22 -7.91 -1.93 2.21
C ARG A 22 -8.01 -2.13 3.72
N PHE A 23 -6.99 -1.66 4.47
CA PHE A 23 -6.97 -1.96 5.90
C PHE A 23 -6.20 -0.94 6.69
N TYR A 24 -6.41 -0.99 8.01
CA TYR A 24 -5.65 -0.20 8.96
C TYR A 24 -4.36 -0.91 9.20
N SER A 25 -3.27 -0.23 8.91
CA SER A 25 -1.99 -0.80 9.27
C SER A 25 -1.85 -0.57 10.80
N GLY A 26 -0.84 -1.13 11.41
CA GLY A 26 -0.59 -0.89 12.83
C GLY A 26 0.06 0.46 13.10
N ASP A 27 0.35 1.27 12.06
CA ASP A 27 1.02 2.57 12.19
C ASP A 27 0.04 3.69 12.46
N LYS A 28 0.45 4.61 13.31
CA LYS A 28 -0.38 5.75 13.67
C LYS A 28 0.26 7.05 13.25
N ASP A 29 -0.54 8.00 12.76
CA ASP A 29 0.03 9.30 12.45
C ASP A 29 0.40 10.00 13.79
N ALA A 30 1.65 10.51 13.91
CA ALA A 30 2.18 11.16 15.14
C ALA A 30 1.40 12.42 15.55
N ILE A 31 0.76 13.11 14.60
CA ILE A 31 0.04 14.35 14.94
C ILE A 31 -1.47 14.11 15.16
N THR A 32 -2.12 13.39 14.24
CA THR A 32 -3.56 13.19 14.32
C THR A 32 -3.94 12.06 15.25
N GLY A 33 -3.01 11.15 15.52
CA GLY A 33 -3.26 9.96 16.33
C GLY A 33 -3.99 8.87 15.56
N GLU A 34 -4.41 9.14 14.32
CA GLU A 34 -5.16 8.19 13.49
C GLU A 34 -4.32 7.01 13.00
N ASN A 35 -4.96 5.84 12.86
CA ASN A 35 -4.32 4.66 12.28
C ASN A 35 -4.19 4.89 10.78
N ILE A 36 -3.03 4.56 10.22
CA ILE A 36 -2.76 4.82 8.80
C ILE A 36 -3.35 3.68 7.97
N VAL A 37 -3.96 4.04 6.84
CA VAL A 37 -4.57 3.07 5.97
C VAL A 37 -3.58 2.60 4.88
N ALA A 38 -3.61 1.31 4.60
CA ALA A 38 -2.82 0.70 3.55
C ALA A 38 -3.77 -0.06 2.66
N GLU A 39 -3.35 -0.34 1.45
CA GLU A 39 -4.11 -1.06 0.44
CA GLU A 39 -4.14 -1.16 0.54
C GLU A 39 -3.22 -2.08 -0.21
N LYS A 40 -3.72 -3.27 -0.48
CA LYS A 40 -2.94 -4.27 -1.17
C LYS A 40 -3.72 -4.81 -2.39
N GLU A 41 -3.15 -4.77 -3.60
CA GLU A 41 -3.83 -5.32 -4.76
C GLU A 41 -3.78 -6.83 -4.74
N LEU A 42 -4.93 -7.48 -4.99
CA LEU A 42 -5.01 -8.93 -5.04
C LEU A 42 -4.61 -9.44 -6.40
N ASP A 43 -4.05 -10.67 -6.45
CA ASP A 43 -3.67 -11.33 -7.71
C ASP A 43 -4.96 -11.73 -8.38
N ARG A 44 -4.97 -11.76 -9.70
CA ARG A 44 -6.23 -12.08 -10.35
C ARG A 44 -6.06 -12.91 -11.60
N THR A 45 -7.21 -13.42 -12.02
CA THR A 45 -7.52 -13.98 -13.32
C THR A 45 -8.79 -13.24 -13.71
N ASN A 46 -8.96 -12.98 -15.00
CA ASN A 46 -10.16 -12.37 -15.55
C ASN A 46 -10.68 -13.19 -16.67
N ASN A 47 -12.00 -13.23 -16.77
CA ASN A 47 -12.71 -13.86 -17.86
C ASN A 47 -13.73 -12.84 -18.32
N ILE A 48 -13.46 -12.24 -19.45
CA ILE A 48 -14.35 -11.23 -20.03
C ILE A 48 -15.15 -11.85 -21.18
N ASP A 49 -16.46 -12.05 -20.96
CA ASP A 49 -17.38 -12.59 -21.97
C ASP A 49 -18.14 -11.37 -22.56
N SER A 50 -17.62 -10.84 -23.68
CA SER A 50 -18.18 -9.64 -24.30
C SER A 50 -19.62 -9.84 -24.80
N GLU A 51 -19.86 -10.96 -25.53
CA GLU A 51 -21.16 -11.33 -26.11
C GLU A 51 -22.28 -11.25 -25.04
N HIS A 52 -22.03 -11.81 -23.84
CA HIS A 52 -23.01 -11.83 -22.79
C HIS A 52 -22.89 -10.70 -21.76
N GLY A 53 -21.89 -9.82 -21.92
CA GLY A 53 -21.64 -8.73 -20.98
C GLY A 53 -21.44 -9.24 -19.58
N VAL A 54 -20.56 -10.25 -19.43
CA VAL A 54 -20.22 -10.85 -18.13
C VAL A 54 -18.71 -10.73 -17.93
N ALA A 55 -18.30 -10.07 -16.85
CA ALA A 55 -16.90 -9.92 -16.51
C ALA A 55 -16.68 -10.61 -15.19
N THR A 56 -15.90 -11.69 -15.23
CA THR A 56 -15.62 -12.56 -14.09
C THR A 56 -14.18 -12.39 -13.65
N ALA A 57 -13.98 -12.37 -12.35
CA ALA A 57 -12.63 -12.31 -11.81
C ALA A 57 -12.50 -13.28 -10.64
N VAL A 58 -11.33 -13.92 -10.55
CA VAL A 58 -10.97 -14.81 -9.46
C VAL A 58 -9.77 -14.14 -8.77
N PHE A 59 -9.91 -13.78 -7.48
CA PHE A 59 -8.79 -13.17 -6.78
C PHE A 59 -8.12 -14.18 -5.86
N THR A 60 -6.80 -14.08 -5.76
CA THR A 60 -6.02 -14.89 -4.83
C THR A 60 -5.24 -13.89 -3.97
N ILE A 61 -4.93 -14.30 -2.76
CA ILE A 61 -4.26 -13.43 -1.81
C ILE A 61 -2.73 -13.49 -2.06
N PRO A 62 -2.09 -12.33 -2.33
CA PRO A 62 -0.63 -12.32 -2.54
C PRO A 62 0.14 -12.68 -1.28
N ALA A 63 1.41 -13.08 -1.44
CA ALA A 63 2.28 -13.41 -0.32
C ALA A 63 2.44 -12.20 0.59
N ALA A 64 2.70 -12.46 1.88
CA ALA A 64 2.94 -11.45 2.88
C ALA A 64 4.17 -10.58 2.51
N GLY A 65 4.13 -9.30 2.88
CA GLY A 65 5.21 -8.35 2.63
C GLY A 65 4.83 -6.97 3.15
N GLY A 66 5.78 -6.29 3.78
CA GLY A 66 5.56 -4.96 4.34
C GLY A 66 4.47 -4.95 5.38
N LYS A 67 3.49 -4.02 5.24
CA LYS A 67 2.41 -3.93 6.23
CA LYS A 67 2.32 -3.85 6.12
C LYS A 67 1.31 -4.97 5.92
N PHE A 68 1.42 -5.69 4.77
CA PHE A 68 0.47 -6.78 4.43
C PHE A 68 1.05 -8.08 5.03
N THR A 69 0.92 -8.20 6.34
CA THR A 69 1.47 -9.33 7.10
C THR A 69 0.65 -10.61 6.89
N GLU A 70 1.16 -11.73 7.40
CA GLU A 70 0.47 -13.03 7.39
C GLU A 70 -0.90 -12.90 8.08
N ALA A 71 -0.93 -12.18 9.22
CA ALA A 71 -2.14 -11.90 9.99
C ALA A 71 -3.15 -11.12 9.13
N GLU A 72 -2.68 -10.11 8.35
CA GLU A 72 -3.55 -9.32 7.49
C GLU A 72 -4.10 -10.14 6.29
N ARG A 73 -3.29 -11.11 5.75
CA ARG A 73 -3.75 -12.00 4.66
C ARG A 73 -5.02 -12.74 5.08
N ALA A 74 -5.11 -13.15 6.37
CA ALA A 74 -6.24 -13.88 6.93
C ALA A 74 -7.50 -12.99 7.09
N LYS A 75 -7.35 -11.66 6.95
CA LYS A 75 -8.45 -10.69 7.09
CA LYS A 75 -8.47 -10.72 7.09
C LYS A 75 -9.08 -10.36 5.73
N VAL A 76 -8.45 -10.78 4.61
CA VAL A 76 -8.99 -10.52 3.25
C VAL A 76 -10.36 -11.19 3.13
N SER A 77 -11.40 -10.42 2.78
CA SER A 77 -12.76 -10.96 2.73
C SER A 77 -13.52 -10.44 1.54
N LEU A 78 -14.26 -11.35 0.88
CA LEU A 78 -15.14 -11.10 -0.27
C LEU A 78 -16.29 -10.14 0.14
N SER A 79 -16.67 -10.13 1.45
CA SER A 79 -17.72 -9.26 2.00
CA SER A 79 -17.73 -9.25 1.95
C SER A 79 -17.22 -7.83 2.21
N ASN A 80 -15.91 -7.59 2.01
CA ASN A 80 -15.38 -6.24 2.19
C ASN A 80 -14.17 -6.05 1.29
N LEU A 81 -14.46 -5.98 0.02
CA LEU A 81 -13.47 -5.87 -1.02
C LEU A 81 -13.66 -4.62 -1.84
N VAL A 82 -12.54 -3.97 -2.18
CA VAL A 82 -12.51 -2.81 -3.04
C VAL A 82 -12.34 -3.34 -4.47
N VAL A 83 -13.34 -3.14 -5.35
CA VAL A 83 -13.25 -3.62 -6.72
C VAL A 83 -13.14 -2.41 -7.66
N TYR A 84 -12.30 -2.53 -8.69
CA TYR A 84 -12.21 -1.51 -9.72
C TYR A 84 -12.30 -2.17 -11.10
N VAL A 85 -12.73 -1.40 -12.10
CA VAL A 85 -12.83 -1.91 -13.48
C VAL A 85 -12.14 -0.95 -14.43
N ASN A 86 -11.63 -1.47 -15.53
CA ASN A 86 -11.16 -0.69 -16.65
C ASN A 86 -12.23 -0.84 -17.71
N VAL A 87 -12.58 0.24 -18.38
CA VAL A 87 -13.57 0.24 -19.43
C VAL A 87 -12.97 0.83 -20.70
N SER A 88 -13.69 0.70 -21.82
CA SER A 88 -13.29 1.26 -23.11
C SER A 88 -12.91 2.72 -22.97
N THR A 89 -11.98 3.21 -23.81
CA THR A 89 -11.56 4.62 -23.78
C THR A 89 -12.81 5.54 -23.86
N ALA A 90 -12.88 6.54 -22.95
CA ALA A 90 -13.94 7.54 -22.83
C ALA A 90 -15.33 6.95 -22.40
N ALA A 91 -15.38 5.66 -22.00
CA ALA A 91 -16.63 5.10 -21.52
C ALA A 91 -16.81 5.47 -20.05
N ARG A 92 -18.06 5.54 -19.59
CA ARG A 92 -18.40 5.84 -18.20
C ARG A 92 -19.28 4.71 -17.66
N VAL A 93 -18.92 4.18 -16.47
CA VAL A 93 -19.66 3.07 -15.85
C VAL A 93 -20.49 3.59 -14.66
N THR A 94 -21.75 3.13 -14.57
CA THR A 94 -22.75 3.50 -13.57
C THR A 94 -23.30 2.25 -12.88
N PRO A 95 -23.29 2.18 -11.52
CA PRO A 95 -23.90 1.02 -10.84
C PRO A 95 -25.41 1.00 -11.04
N LEU A 96 -25.97 -0.18 -11.18
CA LEU A 96 -27.42 -0.35 -11.33
C LEU A 96 -27.98 -0.92 -10.03
N ASP A 97 -29.24 -0.62 -9.69
CA ASP A 97 -29.94 -1.14 -8.50
C ASP A 97 -29.06 -1.10 -7.25
N GLY A 98 -28.97 -2.24 -6.54
CA GLY A 98 -28.18 -2.34 -5.32
C GLY A 98 -26.71 -2.64 -5.51
N SER A 99 -26.13 -2.26 -6.67
CA SER A 99 -24.73 -2.53 -6.98
C SER A 99 -23.82 -1.56 -6.26
N PRO A 100 -22.71 -2.08 -5.67
CA PRO A 100 -21.77 -1.18 -5.00
C PRO A 100 -21.00 -0.32 -6.00
N LYS A 101 -20.49 0.78 -5.52
CA LYS A 101 -19.62 1.63 -6.30
C LYS A 101 -18.24 0.95 -6.39
N PHE A 102 -17.52 1.21 -7.49
CA PHE A 102 -16.15 0.72 -7.62
C PHE A 102 -15.26 1.64 -6.75
N GLY A 103 -14.13 1.12 -6.29
CA GLY A 103 -13.18 1.90 -5.48
C GLY A 103 -13.54 2.13 -4.03
N VAL A 104 -14.54 1.40 -3.53
CA VAL A 104 -15.05 1.51 -2.15
C VAL A 104 -15.18 0.07 -1.59
N PRO A 105 -14.78 -0.19 -0.31
CA PRO A 105 -14.95 -1.56 0.24
C PRO A 105 -16.44 -1.92 0.22
N ALA A 106 -16.77 -3.09 -0.30
CA ALA A 106 -18.15 -3.49 -0.43
C ALA A 106 -18.29 -4.98 -0.46
N ASP A 107 -19.53 -5.45 -0.27
CA ASP A 107 -19.86 -6.87 -0.27
C ASP A 107 -19.92 -7.37 -1.71
N TRP A 108 -18.95 -8.22 -2.06
CA TRP A 108 -18.85 -8.77 -3.41
C TRP A 108 -19.14 -10.27 -3.41
N THR A 109 -19.88 -10.77 -2.40
CA THR A 109 -20.26 -12.19 -2.33
C THR A 109 -21.21 -12.54 -3.47
N ARG A 110 -22.02 -11.57 -3.93
CA ARG A 110 -22.93 -11.75 -5.05
C ARG A 110 -22.50 -10.93 -6.26
N GLU A 111 -23.02 -11.28 -7.43
CA GLU A 111 -22.73 -10.58 -8.68
C GLU A 111 -23.48 -9.26 -8.70
N HIS A 112 -22.99 -8.27 -9.45
CA HIS A 112 -23.64 -6.96 -9.51
C HIS A 112 -23.63 -6.42 -10.93
N LYS A 113 -24.71 -5.69 -11.30
CA LYS A 113 -24.87 -5.16 -12.65
C LYS A 113 -24.52 -3.67 -12.73
N TYR A 114 -23.99 -3.27 -13.89
CA TYR A 114 -23.49 -1.94 -14.22
C TYR A 114 -23.86 -1.56 -15.63
N SER A 115 -24.03 -0.26 -15.86
CA SER A 115 -24.28 0.26 -17.21
C SER A 115 -23.03 0.98 -17.67
N VAL A 116 -22.46 0.51 -18.78
CA VAL A 116 -21.27 1.13 -19.35
C VAL A 116 -21.72 1.96 -20.55
N MSE A 117 -21.42 3.26 -20.54
CA MSE A 117 -21.84 4.13 -21.62
C MSE A 117 -20.63 4.54 -22.44
O MSE A 117 -19.69 5.10 -21.90
CB MSE A 117 -22.60 5.36 -21.09
CG MSE A 117 -23.15 6.25 -22.21
SE MSE A 117 -23.88 7.95 -21.57
CE MSE A 117 -22.24 8.74 -20.85
N ALA A 118 -20.67 4.24 -23.75
CA ALA A 118 -19.61 4.57 -24.72
C ALA A 118 -19.51 6.08 -24.92
N ALA A 119 -18.38 6.53 -25.52
CA ALA A 119 -18.18 7.95 -25.87
C ALA A 119 -19.36 8.51 -26.68
N ASP A 120 -19.94 7.69 -27.60
CA ASP A 120 -21.03 8.17 -28.45
C ASP A 120 -22.41 8.03 -27.78
N GLY A 121 -22.45 7.55 -26.54
CA GLY A 121 -23.69 7.38 -25.80
C GLY A 121 -24.31 5.99 -25.85
N THR A 122 -23.64 5.01 -26.50
CA THR A 122 -24.13 3.62 -26.58
C THR A 122 -23.98 2.97 -25.18
N LYS A 123 -25.09 2.42 -24.64
CA LYS A 123 -25.10 1.79 -23.32
C LYS A 123 -25.08 0.28 -23.45
N LYS A 124 -24.34 -0.37 -22.55
CA LYS A 124 -24.25 -1.82 -22.48
C LYS A 124 -24.29 -2.24 -21.01
N ILE A 125 -25.20 -3.18 -20.69
CA ILE A 125 -25.34 -3.72 -19.33
C ILE A 125 -24.31 -4.83 -19.15
N TRP A 126 -23.56 -4.74 -18.04
CA TRP A 126 -22.55 -5.69 -17.63
C TRP A 126 -22.85 -6.27 -16.28
N THR A 127 -22.52 -7.55 -16.11
CA THR A 127 -22.60 -8.28 -14.84
C THR A 127 -21.17 -8.53 -14.41
N VAL A 128 -20.83 -8.14 -13.18
CA VAL A 128 -19.50 -8.34 -12.62
C VAL A 128 -19.63 -9.38 -11.52
N LYS A 129 -18.89 -10.47 -11.64
CA LYS A 129 -18.91 -11.60 -10.72
C LYS A 129 -17.50 -11.83 -10.23
N VAL A 130 -17.34 -11.82 -8.92
CA VAL A 130 -16.02 -11.89 -8.30
C VAL A 130 -16.02 -12.97 -7.24
N THR A 131 -14.93 -13.77 -7.20
CA THR A 131 -14.74 -14.81 -6.19
C THR A 131 -13.35 -14.64 -5.59
N LEU A 132 -13.17 -15.16 -4.39
CA LEU A 132 -11.91 -15.09 -3.67
C LEU A 132 -11.49 -16.51 -3.27
N ASN A 133 -10.30 -16.93 -3.71
CA ASN A 133 -9.72 -18.23 -3.38
C ASN A 133 -8.72 -18.04 -2.26
N LYS A 134 -9.09 -18.51 -1.06
CA LYS A 134 -8.28 -18.36 0.14
C LYS A 134 -7.35 -19.56 0.33
N GLU B 4 21.86 -26.43 24.74
CA GLU B 4 21.61 -25.32 23.84
C GLU B 4 22.05 -23.99 24.47
N ASP B 5 22.69 -23.13 23.67
CA ASP B 5 23.19 -21.84 24.13
C ASP B 5 22.16 -20.75 23.91
N LEU B 6 22.25 -19.71 24.77
CA LEU B 6 21.41 -18.51 24.76
C LEU B 6 21.58 -17.77 23.44
N PRO B 7 20.56 -17.01 22.95
CA PRO B 7 20.78 -16.25 21.73
C PRO B 7 21.80 -15.11 21.96
N ALA B 8 22.19 -14.43 20.88
CA ALA B 8 23.09 -13.29 20.94
C ALA B 8 22.28 -12.07 21.41
N TYR B 9 22.82 -11.30 22.35
CA TYR B 9 22.18 -10.08 22.88
C TYR B 9 22.86 -8.84 22.37
N GLU B 10 23.98 -8.99 21.62
CA GLU B 10 24.82 -7.87 21.20
C GLU B 10 24.54 -7.38 19.78
N GLU B 11 23.46 -7.85 19.11
CA GLU B 11 23.29 -7.39 17.74
C GLU B 11 22.57 -6.05 17.65
N ALA B 12 23.21 -5.09 16.93
CA ALA B 12 22.81 -3.70 16.75
C ALA B 12 22.83 -3.35 15.24
N GLU B 13 22.12 -4.16 14.44
CA GLU B 13 22.08 -4.07 12.99
C GLU B 13 20.81 -3.44 12.43
N ILE B 14 20.96 -2.81 11.26
CA ILE B 14 19.85 -2.38 10.41
C ILE B 14 19.74 -3.52 9.39
N THR B 15 18.56 -4.11 9.23
CA THR B 15 18.44 -5.26 8.31
C THR B 15 17.58 -4.93 7.06
N LYS B 16 16.86 -3.80 7.08
CA LYS B 16 16.01 -3.40 5.96
C LYS B 16 15.73 -1.92 6.03
N VAL B 17 15.66 -1.26 4.86
CA VAL B 17 15.30 0.17 4.74
C VAL B 17 14.13 0.25 3.76
N GLY B 18 12.98 0.69 4.25
CA GLY B 18 11.79 0.88 3.43
C GLY B 18 11.30 2.32 3.49
N ALA B 19 10.42 2.72 2.54
CA ALA B 19 9.86 4.09 2.47
C ALA B 19 8.44 4.10 2.00
N TYR B 20 7.67 5.07 2.55
CA TYR B 20 6.27 5.27 2.25
C TYR B 20 6.04 6.71 1.90
N HIS B 21 5.06 6.90 1.02
CA HIS B 21 4.48 8.18 0.71
C HIS B 21 3.18 8.25 1.54
N ARG B 22 3.10 9.22 2.45
CA ARG B 22 1.95 9.43 3.33
C ARG B 22 1.09 10.55 2.79
N PHE B 23 -0.23 10.33 2.74
CA PHE B 23 -1.11 11.35 2.17
C PHE B 23 -2.51 11.21 2.70
N TYR B 24 -3.31 12.29 2.57
CA TYR B 24 -4.73 12.21 2.90
C TYR B 24 -5.44 11.54 1.74
N SER B 25 -6.23 10.49 2.03
CA SER B 25 -6.90 9.75 0.95
C SER B 25 -8.12 10.50 0.33
N GLY B 26 -8.65 11.50 1.02
CA GLY B 26 -9.84 12.25 0.60
C GLY B 26 -11.09 11.86 1.38
N ASP B 27 -11.06 10.69 2.03
CA ASP B 27 -12.16 10.21 2.84
C ASP B 27 -12.09 10.74 4.28
N LYS B 28 -13.26 11.00 4.82
CA LYS B 28 -13.42 11.54 6.15
C LYS B 28 -14.33 10.68 6.95
N ASP B 29 -14.04 10.55 8.25
CA ASP B 29 -14.90 9.78 9.12
C ASP B 29 -16.23 10.55 9.32
N ALA B 30 -17.36 9.89 9.08
CA ALA B 30 -18.68 10.52 9.19
C ALA B 30 -19.01 10.99 10.62
N ILE B 31 -18.36 10.44 11.65
CA ILE B 31 -18.66 10.83 13.02
C ILE B 31 -17.57 11.76 13.58
N THR B 32 -16.32 11.38 13.45
CA THR B 32 -15.21 12.11 14.04
C THR B 32 -14.77 13.27 13.20
N GLY B 33 -15.12 13.26 11.91
CA GLY B 33 -14.71 14.31 10.98
C GLY B 33 -13.27 14.18 10.53
N GLU B 34 -12.52 13.20 11.06
CA GLU B 34 -11.11 13.00 10.73
C GLU B 34 -10.88 12.58 9.27
N ASN B 35 -9.86 13.18 8.64
CA ASN B 35 -9.44 12.83 7.29
C ASN B 35 -8.66 11.57 7.42
N ILE B 36 -8.94 10.58 6.57
CA ILE B 36 -8.22 9.30 6.63
C ILE B 36 -6.82 9.47 6.00
N VAL B 37 -5.80 9.10 6.77
CA VAL B 37 -4.40 9.16 6.38
C VAL B 37 -4.03 7.80 5.82
N ALA B 38 -3.48 7.80 4.62
CA ALA B 38 -3.05 6.59 3.94
C ALA B 38 -1.54 6.63 3.74
N GLU B 39 -0.97 5.47 3.40
CA GLU B 39 0.44 5.34 3.10
C GLU B 39 0.61 4.37 1.98
N LYS B 40 1.51 4.67 1.04
CA LYS B 40 1.84 3.77 -0.07
C LYS B 40 3.32 3.41 0.01
N GLU B 41 3.65 2.10 0.06
CA GLU B 41 5.06 1.67 0.12
CA GLU B 41 5.02 1.59 0.11
C GLU B 41 5.69 1.80 -1.25
N LEU B 42 6.89 2.40 -1.26
CA LEU B 42 7.61 2.58 -2.52
C LEU B 42 8.38 1.31 -2.84
N ASP B 43 8.60 1.04 -4.15
CA ASP B 43 9.39 -0.11 -4.59
C ASP B 43 10.81 0.15 -4.19
N ARG B 44 11.52 -0.88 -3.76
CA ARG B 44 12.83 -0.69 -3.17
C ARG B 44 13.91 -1.69 -3.57
N THR B 45 15.16 -1.22 -3.47
CA THR B 45 16.38 -2.00 -3.49
C THR B 45 17.11 -1.57 -2.23
N ASN B 46 17.82 -2.50 -1.60
CA ASN B 46 18.64 -2.21 -0.42
C ASN B 46 20.03 -2.74 -0.65
N ASN B 47 21.04 -1.99 -0.19
CA ASN B 47 22.42 -2.43 -0.13
C ASN B 47 22.89 -2.20 1.32
N ILE B 48 22.84 -3.27 2.18
CA ILE B 48 23.23 -3.22 3.59
C ILE B 48 24.70 -3.65 3.74
N ASP B 49 25.58 -2.69 4.07
CA ASP B 49 26.99 -2.97 4.34
C ASP B 49 27.14 -3.02 5.88
N SER B 50 27.05 -4.24 6.46
CA SER B 50 27.11 -4.42 7.91
C SER B 50 28.46 -3.97 8.51
N GLU B 51 29.58 -4.44 7.94
CA GLU B 51 30.95 -4.09 8.36
CA GLU B 51 30.91 -4.10 8.48
C GLU B 51 31.10 -2.57 8.61
N HIS B 52 30.62 -1.76 7.66
CA HIS B 52 30.78 -0.31 7.72
C HIS B 52 29.58 0.44 8.25
N GLY B 53 28.54 -0.28 8.63
CA GLY B 53 27.33 0.32 9.15
C GLY B 53 26.72 1.33 8.18
N VAL B 54 26.55 0.91 6.92
CA VAL B 54 25.96 1.76 5.88
C VAL B 54 24.78 1.03 5.29
N ALA B 55 23.60 1.64 5.36
CA ALA B 55 22.38 1.05 4.80
C ALA B 55 21.89 1.99 3.72
N THR B 56 21.95 1.52 2.47
CA THR B 56 21.57 2.29 1.28
C THR B 56 20.30 1.74 0.68
N ALA B 57 19.40 2.63 0.28
CA ALA B 57 18.17 2.22 -0.36
C ALA B 57 17.87 3.12 -1.54
N VAL B 58 17.35 2.52 -2.62
CA VAL B 58 16.91 3.22 -3.84
C VAL B 58 15.40 2.97 -3.96
N PHE B 59 14.60 4.03 -3.95
CA PHE B 59 13.15 3.85 -4.09
C PHE B 59 12.67 4.29 -5.45
N THR B 60 11.67 3.60 -5.98
CA THR B 60 11.02 3.95 -7.26
C THR B 60 9.52 4.09 -6.96
N ILE B 61 8.82 4.94 -7.70
CA ILE B 61 7.41 5.19 -7.47
C ILE B 61 6.57 4.10 -8.15
N PRO B 62 5.75 3.33 -7.39
CA PRO B 62 4.90 2.30 -8.00
C PRO B 62 3.85 2.92 -8.93
N ALA B 63 3.33 2.11 -9.89
CA ALA B 63 2.27 2.54 -10.79
C ALA B 63 1.04 2.94 -9.97
N ALA B 64 0.22 3.84 -10.54
CA ALA B 64 -1.03 4.30 -9.93
C ALA B 64 -2.00 3.15 -9.75
N GLY B 65 -2.81 3.22 -8.70
CA GLY B 65 -3.82 2.23 -8.39
C GLY B 65 -4.43 2.49 -7.04
N GLY B 66 -5.72 2.23 -6.92
CA GLY B 66 -6.47 2.48 -5.70
C GLY B 66 -6.46 3.95 -5.32
N LYS B 67 -6.12 4.21 -4.06
CA LYS B 67 -6.07 5.58 -3.53
C LYS B 67 -4.80 6.29 -3.96
N PHE B 68 -3.81 5.54 -4.45
CA PHE B 68 -2.54 6.09 -4.93
C PHE B 68 -2.69 6.44 -6.41
N THR B 69 -3.36 7.57 -6.65
CA THR B 69 -3.67 8.05 -8.01
C THR B 69 -2.45 8.61 -8.73
N GLU B 70 -2.59 8.90 -10.04
CA GLU B 70 -1.55 9.53 -10.85
C GLU B 70 -1.16 10.86 -10.22
N ALA B 71 -2.15 11.64 -9.72
CA ALA B 71 -1.93 12.92 -9.06
C ALA B 71 -1.06 12.72 -7.80
N GLU B 72 -1.34 11.66 -7.01
CA GLU B 72 -0.56 11.36 -5.80
CA GLU B 72 -0.56 11.37 -5.79
C GLU B 72 0.87 10.96 -6.15
N ARG B 73 1.09 10.19 -7.24
CA ARG B 73 2.44 9.77 -7.65
C ARG B 73 3.36 10.97 -7.87
N ALA B 74 2.80 12.08 -8.44
CA ALA B 74 3.53 13.32 -8.74
C ALA B 74 3.91 14.09 -7.48
N LYS B 75 3.30 13.74 -6.34
CA LYS B 75 3.54 14.41 -5.07
C LYS B 75 4.60 13.70 -4.23
N VAL B 76 5.05 12.48 -4.64
CA VAL B 76 6.08 11.72 -3.90
C VAL B 76 7.36 12.54 -3.93
N SER B 77 7.87 12.89 -2.75
CA SER B 77 9.07 13.72 -2.66
C SER B 77 10.04 13.21 -1.64
N LEU B 78 11.33 13.26 -1.98
CA LEU B 78 12.43 12.86 -1.11
C LEU B 78 12.48 13.80 0.15
N SER B 79 11.99 15.06 0.01
CA SER B 79 11.89 16.08 1.05
C SER B 79 10.79 15.78 2.07
N ASN B 80 9.88 14.84 1.77
CA ASN B 80 8.77 14.52 2.69
C ASN B 80 8.41 13.04 2.58
N LEU B 81 9.37 12.19 2.95
CA LEU B 81 9.30 10.74 2.86
C LEU B 81 9.30 10.11 4.24
N VAL B 82 8.47 9.07 4.40
CA VAL B 82 8.41 8.28 5.61
C VAL B 82 9.40 7.14 5.41
N VAL B 83 10.46 7.07 6.24
CA VAL B 83 11.42 5.98 6.11
C VAL B 83 11.28 5.12 7.36
N TYR B 84 11.27 3.78 7.17
CA TYR B 84 11.25 2.84 8.28
CA TYR B 84 11.16 2.79 8.25
C TYR B 84 12.43 1.90 8.15
N VAL B 85 12.91 1.39 9.28
CA VAL B 85 13.99 0.43 9.23
C VAL B 85 13.55 -0.80 10.02
N ASN B 86 14.12 -1.95 9.70
CA ASN B 86 14.03 -3.14 10.54
C ASN B 86 15.39 -3.23 11.19
N VAL B 87 15.42 -3.51 12.49
CA VAL B 87 16.66 -3.63 13.25
C VAL B 87 16.68 -4.97 13.93
N SER B 88 17.84 -5.34 14.49
CA SER B 88 18.00 -6.58 15.27
C SER B 88 16.93 -6.67 16.36
N THR B 89 16.51 -7.90 16.71
CA THR B 89 15.54 -8.10 17.79
C THR B 89 16.00 -7.36 19.05
N ALA B 90 15.08 -6.61 19.69
CA ALA B 90 15.24 -5.84 20.93
C ALA B 90 16.25 -4.66 20.79
N ALA B 91 16.71 -4.34 19.56
CA ALA B 91 17.57 -3.16 19.37
C ALA B 91 16.70 -1.90 19.33
N ARG B 92 17.27 -0.77 19.75
CA ARG B 92 16.62 0.52 19.75
C ARG B 92 17.48 1.53 18.97
N VAL B 93 16.80 2.40 18.20
CA VAL B 93 17.40 3.39 17.33
C VAL B 93 17.31 4.78 17.91
N THR B 94 18.44 5.48 17.88
CA THR B 94 18.49 6.86 18.29
C THR B 94 18.99 7.70 17.11
N PRO B 95 18.21 8.70 16.63
CA PRO B 95 18.74 9.60 15.59
C PRO B 95 19.87 10.44 16.13
N LEU B 96 20.96 10.57 15.39
CA LEU B 96 22.08 11.41 15.84
C LEU B 96 21.94 12.79 15.22
N ASP B 97 22.58 13.84 15.81
CA ASP B 97 22.62 15.23 15.29
C ASP B 97 21.31 15.68 14.62
N GLY B 98 21.35 16.06 13.36
CA GLY B 98 20.11 16.50 12.69
C GLY B 98 19.29 15.41 12.02
N SER B 99 19.37 14.13 12.51
CA SER B 99 18.69 13.05 11.80
C SER B 99 17.20 12.98 12.10
N PRO B 100 16.38 12.74 11.07
CA PRO B 100 14.93 12.60 11.32
C PRO B 100 14.57 11.29 12.02
N LYS B 101 13.39 11.26 12.64
CA LYS B 101 12.87 10.04 13.21
C LYS B 101 12.36 9.15 12.08
N PHE B 102 12.42 7.82 12.26
CA PHE B 102 11.82 6.89 11.32
C PHE B 102 10.32 6.90 11.55
N GLY B 103 9.53 6.54 10.54
CA GLY B 103 8.09 6.43 10.66
C GLY B 103 7.32 7.72 10.63
N VAL B 104 7.99 8.84 10.26
CA VAL B 104 7.40 10.17 10.21
C VAL B 104 7.80 10.80 8.87
N PRO B 105 6.92 11.55 8.16
CA PRO B 105 7.38 12.24 6.92
C PRO B 105 8.50 13.20 7.24
N ALA B 106 9.63 13.12 6.50
CA ALA B 106 10.82 13.91 6.81
C ALA B 106 11.67 14.10 5.58
N ASP B 107 12.63 15.03 5.67
CA ASP B 107 13.54 15.37 4.59
C ASP B 107 14.65 14.33 4.51
N TRP B 108 14.64 13.53 3.45
CA TRP B 108 15.63 12.47 3.26
C TRP B 108 16.54 12.76 2.07
N THR B 109 16.70 14.05 1.70
CA THR B 109 17.56 14.47 0.58
C THR B 109 19.03 14.20 0.93
N ARG B 110 19.38 14.22 2.23
CA ARG B 110 20.75 13.92 2.66
C ARG B 110 20.78 12.61 3.46
N GLU B 111 21.99 12.03 3.62
CA GLU B 111 22.19 10.84 4.43
C GLU B 111 22.10 11.22 5.90
N HIS B 112 21.69 10.26 6.76
CA HIS B 112 21.54 10.57 8.17
C HIS B 112 22.13 9.45 9.02
N LYS B 113 22.73 9.83 10.17
CA LYS B 113 23.34 8.86 11.07
C LYS B 113 22.44 8.57 12.26
N TYR B 114 22.55 7.34 12.75
CA TYR B 114 21.77 6.76 13.84
C TYR B 114 22.65 5.91 14.72
N SER B 115 22.33 5.84 15.99
CA SER B 115 22.96 4.91 16.91
C SER B 115 21.97 3.77 17.18
N VAL B 116 22.34 2.54 16.87
CA VAL B 116 21.50 1.38 17.11
C VAL B 116 22.06 0.71 18.35
N MSE B 117 21.21 0.53 19.37
CA MSE B 117 21.66 -0.05 20.60
C MSE B 117 21.08 -1.44 20.73
O MSE B 117 19.87 -1.60 20.71
CB MSE B 117 21.32 0.83 21.81
CG MSE B 117 21.89 0.27 23.14
SE MSE B 117 21.25 1.20 24.75
CE MSE B 117 19.33 0.81 24.56
N ALA B 118 21.97 -2.44 20.88
CA ALA B 118 21.61 -3.86 21.05
C ALA B 118 20.90 -4.09 22.37
N ALA B 119 20.25 -5.26 22.52
CA ALA B 119 19.61 -5.63 23.80
C ALA B 119 20.60 -5.49 24.98
N ASP B 120 21.90 -5.82 24.78
CA ASP B 120 22.85 -5.77 25.89
C ASP B 120 23.49 -4.37 26.08
N GLY B 121 23.09 -3.36 25.31
CA GLY B 121 23.68 -2.03 25.44
C GLY B 121 24.76 -1.72 24.42
N THR B 122 25.23 -2.72 23.65
CA THR B 122 26.20 -2.49 22.59
C THR B 122 25.62 -1.50 21.58
N LYS B 123 26.39 -0.46 21.26
CA LYS B 123 26.00 0.55 20.30
C LYS B 123 26.76 0.43 19.01
N LYS B 124 26.06 0.69 17.90
CA LYS B 124 26.66 0.69 16.57
C LYS B 124 26.11 1.88 15.78
N ILE B 125 27.02 2.69 15.21
CA ILE B 125 26.67 3.84 14.38
C ILE B 125 26.36 3.37 12.97
N TRP B 126 25.20 3.81 12.46
CA TRP B 126 24.72 3.51 11.11
C TRP B 126 24.49 4.78 10.34
N THR B 127 24.78 4.74 9.04
CA THR B 127 24.50 5.80 8.07
C THR B 127 23.42 5.27 7.16
N VAL B 128 22.29 6.01 7.06
CA VAL B 128 21.18 5.63 6.19
C VAL B 128 21.16 6.63 5.04
N LYS B 129 21.27 6.11 3.79
CA LYS B 129 21.32 6.90 2.58
C LYS B 129 20.21 6.43 1.69
N VAL B 130 19.33 7.35 1.34
CA VAL B 130 18.11 7.07 0.58
C VAL B 130 18.07 7.96 -0.66
N THR B 131 17.73 7.37 -1.81
CA THR B 131 17.53 8.11 -3.05
C THR B 131 16.19 7.72 -3.63
N LEU B 132 15.59 8.63 -4.40
CA LEU B 132 14.33 8.44 -5.06
C LEU B 132 14.53 8.64 -6.57
N ASN B 133 14.21 7.59 -7.35
CA ASN B 133 14.28 7.62 -8.82
C ASN B 133 12.89 7.90 -9.35
N LYS B 134 12.68 9.12 -9.86
CA LYS B 134 11.37 9.55 -10.37
C LYS B 134 11.25 9.24 -11.87
C1 GOL C . -1.64 -9.65 -10.99
O1 GOL C . -2.63 -10.71 -10.95
C2 GOL C . -1.71 -8.71 -9.75
O2 GOL C . -2.86 -7.85 -9.82
C3 GOL C . -0.44 -7.88 -9.54
O3 GOL C . -0.63 -6.99 -8.41
C1 GOL D . -1.18 -6.42 -15.36
O1 GOL D . -2.46 -6.32 -15.98
C2 GOL D . -1.29 -6.62 -13.83
O2 GOL D . -1.18 -5.35 -13.18
C3 GOL D . -0.18 -7.52 -13.31
O3 GOL D . -0.17 -8.80 -13.96
C1 GOL E . -16.70 -13.12 -27.18
O1 GOL E . -17.84 -12.60 -26.54
C2 GOL E . -15.83 -13.86 -26.16
O2 GOL E . -16.57 -14.57 -25.17
C3 GOL E . -14.71 -13.01 -25.52
O3 GOL E . -15.21 -11.74 -25.07
C1 GOL F . -26.85 -13.83 -7.73
O1 GOL F . -26.85 -12.38 -7.57
C2 GOL F . -25.54 -14.53 -7.22
O2 GOL F . -24.47 -13.64 -7.25
C3 GOL F . -25.05 -15.64 -8.16
O3 GOL F . -23.68 -16.02 -7.83
C1 GOL G . -17.01 -14.40 3.13
O1 GOL G . -17.53 -13.09 2.98
C2 GOL G . -15.63 -14.37 3.80
O2 GOL G . -15.54 -13.63 5.04
C3 GOL G . -14.67 -13.77 2.79
O3 GOL G . -14.51 -14.44 1.57
CL CL H . -0.19 -3.61 -4.32
CL CL I . 15.76 -5.63 -1.33
CL CL J . 11.93 -6.29 19.08
#